data_9FJZ
#
_entry.id   9FJZ
#
_cell.length_a   137.110
_cell.length_b   137.110
_cell.length_c   168.638
_cell.angle_alpha   90.000
_cell.angle_beta   90.000
_cell.angle_gamma   120.000
#
_symmetry.space_group_name_H-M   'P 32 2 1'
#
loop_
_entity.id
_entity.type
_entity.pdbx_description
1 polymer '1,2-beta-oligomannan phosphorylase'
2 branched beta-D-mannopyranose-(1-2)-beta-D-mannopyranose-(1-2)-beta-D-mannopyranose-(1-2)-beta-D-mannopyranose-(1-2)-beta-D-mannopyranose-(1-2)-beta-D-mannopyranose
3 branched beta-D-mannopyranose-(1-2)-beta-D-mannopyranose-(1-2)-beta-D-mannopyranose-(1-2)-beta-D-mannopyranose-(1-2)-beta-D-mannopyranose-(1-2)-beta-D-mannopyranose-(1-2)-beta-D-mannopyranose
4 non-polymer 'PHOSPHATE ION'
5 non-polymer 1,2-ETHANEDIOL
6 water water
#
_entity_poly.entity_id   1
_entity_poly.type   'polypeptide(L)'
_entity_poly.pdbx_seq_one_letter_code
;MGIKLKRLSDKPVLMPKAENEWERAAVFNTAAIYDNGLFHLIYRATDIGPHAKYGKYISRLGYAVSKDGINFMRLDKPVM
SNETEQELRGLEDPRIVKIDGIYYMMYTGFGDRFQDDYRICLATSKNLIDWERKGVVLDEPNKDASLFPEKINGKYVMLH
RRYPDIWIAFSDDLKNWYDHKPILKPIPNTWESARVGIGGPPIKTKDGWFLIYHAADDNNVYRLGAVLLDLEDPSKVIAR
QKEPILEPELGWEKEGYIPNVVFSCGNAVKDDTIYVYYGGADTVIGVAILEMKDIKFHHHHHH
;
_entity_poly.pdbx_strand_id   A,B
#
# COMPACT_ATOMS: atom_id res chain seq x y z
N GLY A 2 12.15 17.81 31.18
CA GLY A 2 12.65 18.17 29.84
C GLY A 2 11.77 17.58 28.75
N ILE A 3 12.36 16.74 27.90
CA ILE A 3 11.64 16.12 26.75
C ILE A 3 10.87 14.90 27.26
N LYS A 4 9.58 14.82 26.93
CA LYS A 4 8.75 13.63 27.23
C LYS A 4 7.81 13.38 26.04
N LEU A 5 7.82 12.16 25.51
CA LEU A 5 6.88 11.75 24.43
C LEU A 5 5.48 11.68 25.03
N LYS A 6 4.47 12.08 24.25
CA LYS A 6 3.05 12.05 24.70
C LYS A 6 2.31 10.98 23.88
N ARG A 7 1.79 9.96 24.56
CA ARG A 7 1.03 8.86 23.91
C ARG A 7 -0.24 9.45 23.26
N LEU A 8 -0.52 9.06 22.01
CA LEU A 8 -1.73 9.51 21.28
C LEU A 8 -2.92 8.65 21.70
N SER A 9 -2.67 7.44 22.19
CA SER A 9 -3.75 6.50 22.57
C SER A 9 -3.34 5.71 23.82
N ASP A 10 -4.31 5.25 24.59
CA ASP A 10 -4.06 4.32 25.73
C ASP A 10 -4.15 2.87 25.20
N LYS A 11 -4.43 2.71 23.91
CA LYS A 11 -4.49 1.37 23.25
C LYS A 11 -3.38 1.27 22.20
N PRO A 12 -2.91 0.06 21.85
CA PRO A 12 -1.97 -0.10 20.74
C PRO A 12 -2.58 0.33 19.40
N VAL A 13 -1.72 0.75 18.47
CA VAL A 13 -2.15 1.12 17.08
C VAL A 13 -2.06 -0.10 16.18
N LEU A 14 -1.30 -1.12 16.58
CA LEU A 14 -1.27 -2.38 15.85
C LEU A 14 -1.03 -3.53 16.83
N MET A 15 -1.74 -4.64 16.61
CA MET A 15 -1.68 -5.81 17.48
C MET A 15 -1.54 -7.06 16.62
N PRO A 16 -1.08 -8.20 17.18
CA PRO A 16 -0.99 -9.45 16.41
C PRO A 16 -2.35 -9.91 15.90
N LYS A 17 -2.30 -10.75 14.85
CA LYS A 17 -3.50 -11.16 14.15
C LYS A 17 -3.52 -12.69 14.09
N ALA A 18 -4.47 -13.28 14.82
CA ALA A 18 -4.54 -14.71 15.05
C ALA A 18 -4.74 -15.50 13.76
N GLU A 19 -5.34 -14.88 12.74
CA GLU A 19 -5.68 -15.56 11.50
C GLU A 19 -4.43 -15.78 10.64
N ASN A 20 -3.38 -14.99 10.87
CA ASN A 20 -2.18 -15.01 10.05
C ASN A 20 -1.02 -15.54 10.88
N GLU A 21 -0.52 -16.73 10.52
CA GLU A 21 0.51 -17.40 11.31
C GLU A 21 1.75 -16.52 11.47
N TRP A 22 2.13 -15.81 10.40
CA TRP A 22 3.39 -15.06 10.40
C TRP A 22 3.36 -13.89 11.39
N GLU A 23 2.17 -13.43 11.79
CA GLU A 23 2.03 -12.34 12.73
C GLU A 23 1.06 -12.71 13.86
N ARG A 24 1.02 -14.00 14.19
CA ARG A 24 0.05 -14.56 15.12
C ARG A 24 0.35 -14.11 16.56
N ALA A 25 1.63 -13.99 16.91
CA ALA A 25 2.02 -13.84 18.31
C ALA A 25 2.31 -12.38 18.66
N ALA A 26 3.07 -11.68 17.80
CA ALA A 26 3.58 -10.37 18.16
C ALA A 26 3.83 -9.50 16.93
N VAL A 27 3.57 -8.21 17.09
CA VAL A 27 3.97 -7.18 16.13
C VAL A 27 4.61 -6.06 16.94
N PHE A 28 5.82 -5.64 16.55
CA PHE A 28 6.60 -4.72 17.36
C PHE A 28 7.75 -4.14 16.54
N ASN A 29 8.52 -3.25 17.17
CA ASN A 29 9.81 -2.79 16.67
C ASN A 29 9.71 -2.47 15.19
N THR A 30 8.89 -1.46 14.86
CA THR A 30 8.52 -1.18 13.49
C THR A 30 9.33 0.01 12.97
N ALA A 31 9.69 -0.07 11.68
CA ALA A 31 10.13 1.10 10.95
C ALA A 31 8.93 1.99 10.68
N ALA A 32 9.17 3.28 10.49
CA ALA A 32 8.09 4.23 10.23
C ALA A 32 8.60 5.36 9.34
N ILE A 33 7.77 5.79 8.39
CA ILE A 33 8.10 6.92 7.54
C ILE A 33 6.81 7.55 7.03
N TYR A 34 6.82 8.88 6.93
CA TYR A 34 5.72 9.64 6.36
C TYR A 34 6.08 9.98 4.91
N ASP A 35 5.23 9.54 3.98
CA ASP A 35 5.48 9.77 2.56
C ASP A 35 4.16 9.82 1.79
N ASN A 36 4.05 10.83 0.90
CA ASN A 36 2.95 10.96 -0.02
C ASN A 36 1.62 11.00 0.72
N GLY A 37 1.60 11.72 1.86
CA GLY A 37 0.37 11.97 2.60
C GLY A 37 -0.03 10.81 3.53
N LEU A 38 0.86 9.82 3.70
CA LEU A 38 0.53 8.63 4.48
C LEU A 38 1.66 8.28 5.44
N PHE A 39 1.28 7.75 6.61
CA PHE A 39 2.20 7.08 7.52
C PHE A 39 2.34 5.62 7.08
N HIS A 40 3.58 5.15 6.94
CA HIS A 40 3.86 3.78 6.54
C HIS A 40 4.66 3.09 7.62
N LEU A 41 4.25 1.86 7.99
CA LEU A 41 4.97 1.04 8.95
C LEU A 41 5.48 -0.21 8.24
N ILE A 42 6.77 -0.53 8.45
CA ILE A 42 7.30 -1.84 8.16
C ILE A 42 7.62 -2.49 9.50
N TYR A 43 6.75 -3.43 9.90
CA TYR A 43 6.73 -3.89 11.28
C TYR A 43 7.30 -5.31 11.37
N ARG A 44 8.02 -5.57 12.47
CA ARG A 44 8.48 -6.91 12.80
C ARG A 44 7.31 -7.70 13.37
N ALA A 45 7.19 -8.96 12.92
CA ALA A 45 6.12 -9.83 13.36
C ALA A 45 6.65 -11.25 13.54
N THR A 46 6.18 -11.94 14.59
CA THR A 46 6.62 -13.31 14.86
C THR A 46 5.41 -14.23 14.97
N ASP A 47 5.63 -15.50 14.60
CA ASP A 47 4.63 -16.55 14.68
C ASP A 47 4.50 -17.06 16.10
N ILE A 48 5.57 -16.89 16.88
CA ILE A 48 5.69 -17.35 18.26
C ILE A 48 6.21 -16.19 19.09
N GLY A 49 5.97 -16.22 20.41
CA GLY A 49 6.51 -15.21 21.31
C GLY A 49 8.02 -15.05 21.08
N PRO A 50 8.54 -13.80 20.93
CA PRO A 50 9.93 -13.60 20.54
C PRO A 50 10.96 -13.79 21.66
N HIS A 51 11.06 -15.04 22.14
CA HIS A 51 12.09 -15.45 23.10
C HIS A 51 12.20 -16.96 23.02
N ALA A 52 13.40 -17.50 23.28
CA ALA A 52 13.68 -18.92 23.14
C ALA A 52 12.77 -19.76 24.05
N LYS A 53 12.32 -19.18 25.16
CA LYS A 53 11.49 -19.89 26.12
C LYS A 53 10.13 -20.27 25.53
N TYR A 54 9.69 -19.54 24.49
CA TYR A 54 8.40 -19.81 23.85
C TYR A 54 8.58 -20.75 22.67
N GLY A 55 9.73 -20.67 21.98
CA GLY A 55 10.01 -21.54 20.85
C GLY A 55 10.89 -20.87 19.80
N LYS A 56 11.05 -21.53 18.63
CA LYS A 56 11.93 -21.06 17.57
C LYS A 56 11.20 -20.04 16.69
N TYR A 57 11.02 -18.83 17.24
CA TYR A 57 10.28 -17.77 16.59
C TYR A 57 10.99 -17.36 15.30
N ILE A 58 10.18 -17.00 14.30
CA ILE A 58 10.68 -16.44 13.05
C ILE A 58 10.07 -15.06 12.88
N SER A 59 10.95 -14.06 12.68
CA SER A 59 10.53 -12.69 12.46
C SER A 59 10.38 -12.42 10.95
N ARG A 60 9.25 -11.82 10.56
CA ARG A 60 9.05 -11.36 9.20
C ARG A 60 8.57 -9.91 9.25
N LEU A 61 8.61 -9.23 8.09
CA LEU A 61 8.32 -7.81 8.01
C LEU A 61 6.99 -7.58 7.29
N GLY A 62 6.04 -6.95 7.99
CA GLY A 62 4.75 -6.61 7.43
C GLY A 62 4.68 -5.14 7.04
N TYR A 63 3.60 -4.77 6.33
CA TYR A 63 3.36 -3.40 5.91
C TYR A 63 1.99 -2.94 6.42
N ALA A 64 1.96 -1.73 7.00
CA ALA A 64 0.73 -1.09 7.40
C ALA A 64 0.75 0.39 6.99
N VAL A 65 -0.44 0.97 6.79
CA VAL A 65 -0.57 2.33 6.29
C VAL A 65 -1.72 3.04 7.00
N SER A 66 -1.57 4.35 7.19
CA SER A 66 -2.53 5.16 7.93
C SER A 66 -2.52 6.60 7.41
N LYS A 67 -3.70 7.24 7.47
CA LYS A 67 -3.85 8.63 7.09
C LYS A 67 -3.56 9.55 8.28
N ASP A 68 -3.88 9.08 9.49
CA ASP A 68 -3.86 9.92 10.68
C ASP A 68 -2.73 9.52 11.64
N GLY A 69 -2.11 8.35 11.40
CA GLY A 69 -0.98 7.90 12.20
C GLY A 69 -1.42 7.11 13.45
N ILE A 70 -2.72 6.83 13.56
CA ILE A 70 -3.28 6.13 14.70
C ILE A 70 -4.03 4.88 14.23
N ASN A 71 -4.89 5.06 13.22
CA ASN A 71 -5.70 3.97 12.69
C ASN A 71 -5.05 3.42 11.43
N PHE A 72 -4.66 2.14 11.47
CA PHE A 72 -3.85 1.54 10.43
C PHE A 72 -4.65 0.49 9.66
N MET A 73 -4.35 0.41 8.36
CA MET A 73 -4.70 -0.72 7.52
C MET A 73 -3.43 -1.52 7.27
N ARG A 74 -3.57 -2.85 7.11
CA ARG A 74 -2.43 -3.75 7.09
C ARG A 74 -2.60 -4.78 5.96
N LEU A 75 -1.48 -5.12 5.31
CA LEU A 75 -1.46 -6.14 4.28
C LEU A 75 -1.45 -7.52 4.94
N ASP A 76 -1.95 -8.51 4.19
CA ASP A 76 -2.24 -9.83 4.73
C ASP A 76 -1.00 -10.73 4.72
N LYS A 77 0.01 -10.34 3.93
CA LYS A 77 1.24 -11.11 3.82
C LYS A 77 2.44 -10.20 4.10
N PRO A 78 3.58 -10.76 4.54
CA PRO A 78 4.78 -9.95 4.78
C PRO A 78 5.43 -9.48 3.49
N VAL A 79 6.01 -8.28 3.53
CA VAL A 79 6.68 -7.70 2.37
C VAL A 79 8.10 -8.26 2.26
N MET A 80 8.67 -8.70 3.38
CA MET A 80 9.91 -9.48 3.39
C MET A 80 9.75 -10.68 4.31
N SER A 81 10.18 -11.85 3.82
CA SER A 81 10.11 -13.09 4.58
C SER A 81 11.53 -13.67 4.70
N ASN A 82 11.64 -14.72 5.51
CA ASN A 82 12.91 -15.38 5.77
C ASN A 82 13.37 -16.14 4.52
N GLU A 83 14.40 -15.62 3.85
CA GLU A 83 14.75 -16.08 2.51
C GLU A 83 16.17 -16.65 2.48
N THR A 84 17.14 -15.99 3.13
CA THR A 84 18.53 -16.38 3.06
C THR A 84 18.91 -17.16 4.32
N GLU A 85 20.14 -17.70 4.31
CA GLU A 85 20.70 -18.42 5.44
C GLU A 85 20.96 -17.47 6.61
N GLN A 86 21.29 -16.22 6.30
CA GLN A 86 21.50 -15.20 7.31
C GLN A 86 20.18 -14.82 7.98
N GLU A 87 19.05 -15.17 7.33
CA GLU A 87 17.73 -14.84 7.83
C GLU A 87 16.95 -16.10 8.23
N LEU A 88 17.65 -17.16 8.66
CA LEU A 88 16.98 -18.41 8.99
C LEU A 88 15.88 -18.18 10.03
N ARG A 89 16.18 -17.34 11.04
CA ARG A 89 15.24 -17.04 12.10
C ARG A 89 14.56 -15.68 11.86
N GLY A 90 14.83 -15.07 10.70
CA GLY A 90 14.01 -13.99 10.19
C GLY A 90 14.71 -12.63 10.16
N LEU A 91 13.90 -11.58 10.02
CA LEU A 91 14.35 -10.20 9.85
C LEU A 91 13.79 -9.37 11.00
N GLU A 92 14.65 -8.56 11.65
CA GLU A 92 14.28 -7.90 12.89
C GLU A 92 14.58 -6.41 12.85
N ASP A 93 13.72 -5.63 13.53
CA ASP A 93 14.03 -4.29 13.99
C ASP A 93 14.50 -3.41 12.83
N PRO A 94 13.69 -3.24 11.75
CA PRO A 94 14.09 -2.43 10.61
C PRO A 94 14.09 -0.94 10.92
N ARG A 95 15.06 -0.22 10.34
CA ARG A 95 15.08 1.24 10.32
C ARG A 95 15.16 1.71 8.86
N ILE A 96 14.29 2.66 8.49
CA ILE A 96 14.19 3.11 7.11
C ILE A 96 14.44 4.61 7.03
N VAL A 97 15.21 5.02 6.01
CA VAL A 97 15.32 6.40 5.60
C VAL A 97 15.10 6.44 4.09
N LYS A 98 14.77 7.63 3.58
CA LYS A 98 14.58 7.84 2.15
C LYS A 98 15.61 8.86 1.67
N ILE A 99 16.42 8.47 0.68
CA ILE A 99 17.43 9.34 0.10
C ILE A 99 17.27 9.30 -1.42
N ASP A 100 16.93 10.47 -2.00
CA ASP A 100 16.84 10.67 -3.44
C ASP A 100 15.96 9.59 -4.08
N GLY A 101 14.76 9.41 -3.52
CA GLY A 101 13.74 8.59 -4.14
C GLY A 101 13.90 7.09 -3.85
N ILE A 102 14.83 6.72 -2.98
CA ILE A 102 15.07 5.32 -2.66
C ILE A 102 15.03 5.14 -1.14
N TYR A 103 14.29 4.11 -0.70
CA TYR A 103 14.20 3.75 0.70
C TYR A 103 15.33 2.77 1.04
N TYR A 104 16.08 3.08 2.10
CA TYR A 104 17.18 2.22 2.57
C TYR A 104 16.80 1.65 3.92
N MET A 105 16.56 0.33 3.96
CA MET A 105 16.15 -0.35 5.17
C MET A 105 17.31 -1.19 5.69
N MET A 106 17.76 -0.89 6.91
CA MET A 106 18.68 -1.76 7.62
C MET A 106 17.93 -2.57 8.67
N TYR A 107 18.17 -3.88 8.67
CA TYR A 107 17.50 -4.81 9.57
C TYR A 107 18.51 -5.84 10.06
N THR A 108 18.18 -6.53 11.16
CA THR A 108 18.99 -7.62 11.67
C THR A 108 18.53 -8.92 11.02
N GLY A 109 19.44 -9.57 10.29
CA GLY A 109 19.24 -10.94 9.84
C GLY A 109 19.73 -11.92 10.90
N PHE A 110 18.80 -12.66 11.52
CA PHE A 110 19.12 -13.59 12.58
C PHE A 110 19.22 -15.00 12.00
N GLY A 111 20.43 -15.56 12.00
CA GLY A 111 20.68 -16.89 11.44
C GLY A 111 20.67 -17.98 12.51
N ASP A 112 21.35 -17.70 13.64
CA ASP A 112 21.43 -18.60 14.78
C ASP A 112 22.06 -19.95 14.39
N ARG A 113 23.01 -19.92 13.44
CA ARG A 113 23.72 -21.12 13.03
C ARG A 113 24.93 -21.35 13.94
N PHE A 114 25.35 -20.29 14.65
CA PHE A 114 26.48 -20.32 15.56
C PHE A 114 26.34 -19.12 16.50
N GLN A 115 27.30 -18.96 17.42
CA GLN A 115 27.22 -17.91 18.42
C GLN A 115 27.29 -16.54 17.75
N ASP A 116 26.39 -15.64 18.18
CA ASP A 116 26.34 -14.27 17.71
C ASP A 116 26.10 -14.21 16.19
N ASP A 117 25.28 -15.15 15.68
CA ASP A 117 24.97 -15.18 14.26
C ASP A 117 23.78 -14.25 13.98
N TYR A 118 24.04 -12.94 14.10
CA TYR A 118 23.10 -11.92 13.67
C TYR A 118 23.89 -10.78 13.03
N ARG A 119 23.40 -10.27 11.90
CA ARG A 119 24.11 -9.30 11.10
C ARG A 119 23.18 -8.19 10.62
N ILE A 120 23.69 -6.96 10.60
CA ILE A 120 23.04 -5.85 9.93
C ILE A 120 23.01 -6.14 8.44
N CYS A 121 21.80 -6.13 7.86
CA CYS A 121 21.61 -6.32 6.43
C CYS A 121 20.89 -5.10 5.86
N LEU A 122 21.03 -4.90 4.54
CA LEU A 122 20.46 -3.76 3.84
C LEU A 122 19.51 -4.26 2.76
N ALA A 123 18.35 -3.61 2.65
CA ALA A 123 17.46 -3.77 1.51
C ALA A 123 16.98 -2.40 1.05
N THR A 124 16.69 -2.27 -0.25
CA THR A 124 16.24 -1.02 -0.83
C THR A 124 14.94 -1.24 -1.58
N SER A 125 14.16 -0.15 -1.70
CA SER A 125 12.88 -0.17 -2.40
C SER A 125 12.55 1.23 -2.91
N LYS A 126 11.67 1.29 -3.91
CA LYS A 126 11.12 2.54 -4.40
C LYS A 126 9.70 2.74 -3.86
N ASN A 127 9.10 1.69 -3.29
CA ASN A 127 7.66 1.68 -3.03
C ASN A 127 7.30 1.05 -1.68
N LEU A 128 8.28 0.52 -0.94
CA LEU A 128 8.08 -0.04 0.40
C LEU A 128 7.45 -1.43 0.36
N ILE A 129 7.20 -1.97 -0.84
CA ILE A 129 6.53 -3.26 -0.99
C ILE A 129 7.51 -4.27 -1.60
N ASP A 130 8.19 -3.86 -2.67
CA ASP A 130 9.16 -4.67 -3.38
C ASP A 130 10.55 -4.33 -2.87
N TRP A 131 11.17 -5.26 -2.13
CA TRP A 131 12.45 -5.03 -1.48
C TRP A 131 13.54 -5.85 -2.16
N GLU A 132 14.67 -5.19 -2.43
CA GLU A 132 15.84 -5.83 -3.02
C GLU A 132 16.94 -5.92 -1.97
N ARG A 133 17.36 -7.16 -1.66
CA ARG A 133 18.41 -7.40 -0.68
C ARG A 133 19.76 -6.95 -1.23
N LYS A 134 20.54 -6.26 -0.41
CA LYS A 134 21.88 -5.82 -0.76
C LYS A 134 22.95 -6.59 0.03
N GLY A 135 22.52 -7.42 0.99
CA GLY A 135 23.42 -8.28 1.73
C GLY A 135 23.84 -7.66 3.06
N VAL A 136 24.80 -8.32 3.72
CA VAL A 136 25.32 -7.88 5.01
C VAL A 136 26.07 -6.57 4.85
N VAL A 137 25.87 -5.65 5.79
CA VAL A 137 26.48 -4.33 5.76
C VAL A 137 27.84 -4.38 6.44
N LEU A 138 27.85 -4.92 7.67
CA LEU A 138 29.06 -5.16 8.44
C LEU A 138 29.09 -6.64 8.83
N ASP A 139 30.14 -7.35 8.41
CA ASP A 139 30.25 -8.77 8.74
C ASP A 139 30.85 -8.91 10.14
N GLU A 140 30.00 -8.71 11.15
CA GLU A 140 30.37 -8.78 12.55
C GLU A 140 29.10 -8.80 13.38
N PRO A 141 29.10 -9.39 14.61
CA PRO A 141 27.93 -9.34 15.48
C PRO A 141 27.50 -7.90 15.77
N ASN A 142 26.35 -7.50 15.23
CA ASN A 142 25.94 -6.12 15.28
C ASN A 142 24.44 -6.01 14.97
N LYS A 143 23.84 -4.89 15.41
CA LYS A 143 22.43 -4.63 15.20
C LYS A 143 22.16 -3.15 15.52
N ASP A 144 20.88 -2.78 15.61
CA ASP A 144 20.48 -1.43 15.96
C ASP A 144 21.20 -0.44 15.03
N ALA A 145 20.93 -0.58 13.73
CA ALA A 145 21.64 0.18 12.71
C ALA A 145 20.67 0.93 11.82
N SER A 146 21.14 2.07 11.30
CA SER A 146 20.42 2.85 10.31
C SER A 146 21.39 3.80 9.61
N LEU A 147 21.08 4.13 8.35
CA LEU A 147 21.68 5.28 7.71
C LEU A 147 21.11 6.55 8.34
N PHE A 148 21.89 7.63 8.26
CA PHE A 148 21.36 8.98 8.40
C PHE A 148 20.48 9.26 7.18
N PRO A 149 19.44 10.11 7.31
CA PRO A 149 18.52 10.36 6.19
C PRO A 149 19.06 11.23 5.06
N GLU A 150 20.31 11.67 5.18
CA GLU A 150 21.02 12.28 4.04
C GLU A 150 22.52 12.08 4.21
N LYS A 151 23.25 12.30 3.12
CA LYS A 151 24.70 12.21 3.13
C LYS A 151 25.26 13.42 3.85
N ILE A 152 26.41 13.23 4.51
CA ILE A 152 27.10 14.31 5.20
C ILE A 152 28.48 14.46 4.57
N ASN A 153 28.72 15.64 3.98
CA ASN A 153 29.97 15.96 3.30
C ASN A 153 30.26 14.90 2.24
N GLY A 154 29.23 14.51 1.48
CA GLY A 154 29.37 13.60 0.35
C GLY A 154 29.44 12.13 0.75
N LYS A 155 29.25 11.83 2.04
CA LYS A 155 29.44 10.48 2.56
C LYS A 155 28.15 9.94 3.18
N TYR A 156 27.87 8.66 2.93
CA TYR A 156 26.86 7.94 3.70
C TYR A 156 27.38 7.78 5.12
N VAL A 157 26.45 7.91 6.09
CA VAL A 157 26.79 7.77 7.51
C VAL A 157 25.79 6.79 8.11
N MET A 158 26.29 5.87 8.95
CA MET A 158 25.44 4.89 9.61
C MET A 158 25.73 4.85 11.10
N LEU A 159 24.69 4.54 11.87
CA LEU A 159 24.84 4.22 13.28
C LEU A 159 24.76 2.69 13.41
N HIS A 160 25.50 2.14 14.38
CA HIS A 160 25.47 0.71 14.67
C HIS A 160 25.74 0.53 16.16
N ARG A 161 25.88 -0.73 16.59
CA ARG A 161 25.93 -1.02 18.02
C ARG A 161 26.82 -2.23 18.29
N ARG A 162 28.13 -1.98 18.34
CA ARG A 162 29.08 -2.93 18.91
C ARG A 162 28.86 -2.95 20.42
N TYR A 163 28.30 -4.05 20.91
CA TYR A 163 27.79 -4.15 22.26
C TYR A 163 28.84 -3.66 23.26
N PRO A 164 28.50 -2.81 24.26
CA PRO A 164 27.14 -2.29 24.46
C PRO A 164 26.87 -0.84 24.04
N ASP A 165 27.67 -0.33 23.10
CA ASP A 165 27.72 1.10 22.81
C ASP A 165 27.17 1.39 21.41
N ILE A 166 26.66 2.61 21.22
CA ILE A 166 26.31 3.09 19.89
C ILE A 166 27.59 3.54 19.20
N TRP A 167 27.75 3.13 17.94
CA TRP A 167 28.89 3.50 17.12
C TRP A 167 28.41 4.23 15.88
N ILE A 168 29.36 4.90 15.20
CA ILE A 168 29.11 5.55 13.92
C ILE A 168 30.17 5.07 12.93
N ALA A 169 29.84 5.11 11.64
CA ALA A 169 30.78 4.80 10.59
C ALA A 169 30.36 5.51 9.29
N PHE A 170 31.30 5.57 8.34
CA PHE A 170 31.12 6.34 7.11
C PHE A 170 31.44 5.46 5.92
N SER A 171 30.90 5.83 4.75
CA SER A 171 31.11 5.07 3.53
C SER A 171 30.84 5.96 2.30
N ASP A 172 31.54 5.64 1.20
CA ASP A 172 31.34 6.34 -0.07
C ASP A 172 30.25 5.66 -0.89
N ASP A 173 30.07 4.34 -0.68
CA ASP A 173 29.30 3.52 -1.60
C ASP A 173 28.45 2.46 -0.90
N LEU A 174 28.44 2.44 0.44
CA LEU A 174 27.68 1.49 1.23
C LEU A 174 28.35 0.11 1.27
N LYS A 175 29.49 -0.05 0.58
CA LYS A 175 30.12 -1.36 0.45
C LYS A 175 31.25 -1.50 1.47
N ASN A 176 32.04 -0.44 1.65
CA ASN A 176 33.14 -0.45 2.60
C ASN A 176 32.97 0.71 3.57
N TRP A 177 33.23 0.43 4.86
CA TRP A 177 32.97 1.38 5.93
C TRP A 177 34.27 1.72 6.65
N TYR A 178 34.37 2.98 7.09
CA TYR A 178 35.58 3.49 7.73
C TYR A 178 35.19 4.52 8.78
N ASP A 179 36.17 4.93 9.59
CA ASP A 179 35.97 5.91 10.65
C ASP A 179 34.99 5.38 11.70
N HIS A 180 35.09 4.10 12.04
CA HIS A 180 34.34 3.53 13.14
C HIS A 180 34.78 4.21 14.43
N LYS A 181 33.81 4.71 15.21
CA LYS A 181 34.06 5.26 16.54
C LYS A 181 32.80 5.15 17.38
N PRO A 182 32.92 4.91 18.71
CA PRO A 182 31.77 4.94 19.60
C PRO A 182 31.35 6.39 19.88
N ILE A 183 30.04 6.63 19.97
CA ILE A 183 29.52 7.97 20.19
C ILE A 183 28.69 8.04 21.48
N LEU A 184 28.16 6.90 21.95
CA LEU A 184 27.28 6.90 23.12
C LEU A 184 27.44 5.59 23.87
N LYS A 185 27.59 5.69 25.20
CA LYS A 185 27.83 4.53 26.06
C LYS A 185 26.82 4.51 27.19
N PRO A 186 26.60 3.34 27.83
CA PRO A 186 25.79 3.27 29.05
C PRO A 186 26.40 4.09 30.19
N ILE A 187 25.56 4.46 31.17
CA ILE A 187 26.00 5.17 32.35
C ILE A 187 25.68 4.31 33.58
N PRO A 188 26.69 3.94 34.41
CA PRO A 188 26.46 3.07 35.57
C PRO A 188 25.49 3.65 36.59
N ASN A 189 24.73 2.76 37.25
CA ASN A 189 23.83 3.10 38.34
C ASN A 189 22.76 4.09 37.86
N THR A 190 22.27 3.88 36.64
CA THR A 190 21.15 4.65 36.10
C THR A 190 20.21 3.69 35.37
N TRP A 191 19.16 4.27 34.77
CA TRP A 191 18.21 3.54 33.95
C TRP A 191 18.86 3.04 32.65
N GLU A 192 20.05 3.57 32.31
CA GLU A 192 20.71 3.27 31.05
C GLU A 192 22.09 2.67 31.31
N SER A 193 22.14 1.63 32.16
CA SER A 193 23.38 1.10 32.70
C SER A 193 23.88 -0.12 31.90
N ALA A 194 22.96 -0.97 31.43
CA ALA A 194 23.33 -2.25 30.86
C ALA A 194 23.82 -2.10 29.42
N ARG A 195 23.03 -1.40 28.59
CA ARG A 195 23.37 -1.25 27.18
C ARG A 195 22.57 -0.08 26.59
N VAL A 196 23.05 0.41 25.44
CA VAL A 196 22.34 1.42 24.68
C VAL A 196 22.31 1.02 23.21
N GLY A 197 21.38 1.63 22.47
CA GLY A 197 21.25 1.44 21.04
C GLY A 197 20.31 2.50 20.47
N ILE A 198 20.40 2.76 19.16
CA ILE A 198 19.55 3.76 18.53
C ILE A 198 18.09 3.31 18.64
N GLY A 199 17.19 4.30 18.58
CA GLY A 199 15.79 4.05 18.30
C GLY A 199 15.58 4.00 16.79
N GLY A 200 14.75 4.91 16.28
CA GLY A 200 14.61 5.09 14.84
C GLY A 200 15.78 5.90 14.29
N PRO A 201 15.83 6.13 12.96
CA PRO A 201 16.87 6.96 12.35
C PRO A 201 16.87 8.36 12.95
N PRO A 202 18.03 9.07 12.95
CA PRO A 202 18.09 10.44 13.47
C PRO A 202 17.32 11.40 12.57
N ILE A 203 16.87 12.51 13.17
CA ILE A 203 16.10 13.53 12.46
C ILE A 203 16.88 14.84 12.48
N LYS A 204 17.00 15.46 11.30
CA LYS A 204 17.76 16.71 11.16
C LYS A 204 16.94 17.87 11.71
N THR A 205 17.54 18.65 12.62
CA THR A 205 16.99 19.92 13.07
C THR A 205 18.05 21.00 12.89
N LYS A 206 17.69 22.24 13.19
CA LYS A 206 18.59 23.38 13.05
C LYS A 206 19.72 23.30 14.07
N ASP A 207 19.42 22.73 15.25
CA ASP A 207 20.36 22.70 16.36
C ASP A 207 21.27 21.47 16.27
N GLY A 208 20.88 20.47 15.46
CA GLY A 208 21.67 19.25 15.32
C GLY A 208 20.80 18.06 14.91
N TRP A 209 21.42 16.87 14.91
CA TRP A 209 20.71 15.63 14.66
C TRP A 209 20.01 15.19 15.94
N PHE A 210 18.68 15.17 15.92
CA PHE A 210 17.90 14.63 17.03
C PHE A 210 17.83 13.12 16.89
N LEU A 211 18.36 12.41 17.89
CA LEU A 211 18.41 10.96 17.89
C LEU A 211 17.73 10.43 19.15
N ILE A 212 16.67 9.66 18.96
CA ILE A 212 16.09 8.88 20.04
C ILE A 212 16.89 7.59 20.17
N TYR A 213 17.22 7.21 21.40
CA TYR A 213 17.96 5.98 21.67
C TYR A 213 17.19 5.19 22.72
N HIS A 214 17.50 3.89 22.82
CA HIS A 214 16.96 3.05 23.88
C HIS A 214 18.08 2.63 24.80
N ALA A 215 17.72 2.19 26.01
CA ALA A 215 18.66 1.65 26.96
C ALA A 215 17.95 0.65 27.87
N ALA A 216 18.72 -0.32 28.38
CA ALA A 216 18.23 -1.26 29.37
C ALA A 216 18.94 -1.00 30.70
N ASP A 217 18.21 -1.20 31.81
CA ASP A 217 18.79 -1.09 33.14
C ASP A 217 19.23 -2.49 33.58
N ASP A 218 19.58 -2.64 34.86
CA ASP A 218 20.15 -3.88 35.38
C ASP A 218 19.05 -4.93 35.59
N ASN A 219 17.78 -4.52 35.52
CA ASN A 219 16.66 -5.44 35.58
C ASN A 219 16.09 -5.70 34.19
N ASN A 220 16.75 -5.12 33.16
CA ASN A 220 16.44 -5.41 31.77
C ASN A 220 15.15 -4.70 31.35
N VAL A 221 14.85 -3.58 32.02
CA VAL A 221 13.74 -2.72 31.63
C VAL A 221 14.25 -1.78 30.53
N TYR A 222 13.51 -1.72 29.42
CA TYR A 222 13.89 -0.91 28.27
C TYR A 222 13.12 0.41 28.29
N ARG A 223 13.86 1.52 28.13
CA ARG A 223 13.29 2.85 28.06
C ARG A 223 13.93 3.60 26.90
N LEU A 224 13.32 4.72 26.49
CA LEU A 224 13.85 5.56 25.43
C LEU A 224 14.45 6.83 26.04
N GLY A 225 15.48 7.36 25.36
CA GLY A 225 16.11 8.62 25.72
C GLY A 225 16.33 9.47 24.48
N ALA A 226 17.00 10.63 24.65
CA ALA A 226 17.22 11.56 23.56
C ALA A 226 18.61 12.17 23.64
N VAL A 227 19.25 12.32 22.47
CA VAL A 227 20.53 12.99 22.34
C VAL A 227 20.48 13.91 21.13
N LEU A 228 21.37 14.92 21.13
CA LEU A 228 21.54 15.82 20.00
C LEU A 228 22.99 15.72 19.51
N LEU A 229 23.17 15.48 18.21
CA LEU A 229 24.50 15.35 17.61
C LEU A 229 24.75 16.56 16.72
N ASP A 230 26.04 16.89 16.54
CA ASP A 230 26.44 18.01 15.71
C ASP A 230 26.15 17.69 14.24
N LEU A 231 25.73 18.71 13.49
CA LEU A 231 25.26 18.53 12.12
C LEU A 231 26.37 18.00 11.22
N GLU A 232 27.55 18.64 11.30
CA GLU A 232 28.63 18.37 10.36
C GLU A 232 29.46 17.19 10.85
N ASP A 233 29.59 17.03 12.17
CA ASP A 233 30.31 15.92 12.75
C ASP A 233 29.42 15.20 13.77
N PRO A 234 28.55 14.25 13.33
CA PRO A 234 27.63 13.58 14.25
C PRO A 234 28.25 12.67 15.32
N SER A 235 29.59 12.59 15.35
CA SER A 235 30.29 11.90 16.41
C SER A 235 30.34 12.75 17.68
N LYS A 236 30.14 14.07 17.52
CA LYS A 236 30.13 14.99 18.66
C LYS A 236 28.73 15.06 19.25
N VAL A 237 28.62 14.76 20.56
CA VAL A 237 27.37 14.84 21.28
C VAL A 237 27.24 16.25 21.89
N ILE A 238 26.27 17.02 21.38
CA ILE A 238 26.01 18.37 21.87
C ILE A 238 25.29 18.30 23.21
N ALA A 239 24.29 17.41 23.30
CA ALA A 239 23.49 17.29 24.52
C ALA A 239 22.94 15.87 24.65
N ARG A 240 22.75 15.45 25.90
CA ARG A 240 22.16 14.16 26.24
C ARG A 240 21.29 14.35 27.47
N GLN A 241 19.98 14.10 27.32
CA GLN A 241 19.05 14.26 28.43
C GLN A 241 19.29 13.14 29.43
N LYS A 242 19.30 13.51 30.72
CA LYS A 242 19.59 12.58 31.81
C LYS A 242 18.43 11.61 31.99
N GLU A 243 17.20 12.14 31.90
CA GLU A 243 16.00 11.36 32.17
C GLU A 243 15.47 10.75 30.87
N PRO A 244 14.77 9.59 30.94
CA PRO A 244 14.16 8.99 29.75
C PRO A 244 12.98 9.82 29.22
N ILE A 245 12.72 9.68 27.92
CA ILE A 245 11.62 10.39 27.27
C ILE A 245 10.38 9.48 27.24
N LEU A 246 10.55 8.19 27.48
CA LEU A 246 9.44 7.24 27.47
C LEU A 246 9.81 6.02 28.30
N GLU A 247 8.85 5.53 29.11
CA GLU A 247 9.04 4.38 29.96
C GLU A 247 7.81 3.47 29.87
N PRO A 248 7.93 2.15 30.15
CA PRO A 248 6.76 1.29 30.29
C PRO A 248 5.85 1.77 31.41
N GLU A 249 4.59 2.06 31.08
CA GLU A 249 3.61 2.56 32.03
C GLU A 249 2.29 1.81 31.87
N LEU A 250 1.80 1.73 30.63
CA LEU A 250 0.53 1.06 30.34
C LEU A 250 0.71 -0.46 30.45
N GLY A 251 -0.42 -1.16 30.57
CA GLY A 251 -0.44 -2.59 30.79
C GLY A 251 0.22 -3.38 29.65
N TRP A 252 0.04 -2.89 28.41
CA TRP A 252 0.56 -3.57 27.23
C TRP A 252 2.01 -3.17 26.94
N GLU A 253 2.54 -2.21 27.72
CA GLU A 253 3.96 -1.91 27.71
C GLU A 253 4.69 -2.72 28.79
N LYS A 254 4.00 -2.96 29.91
CA LYS A 254 4.61 -3.61 31.07
C LYS A 254 4.48 -5.13 30.96
N GLU A 255 3.37 -5.60 30.39
CA GLU A 255 3.08 -7.03 30.33
C GLU A 255 2.97 -7.49 28.89
N GLY A 256 3.53 -8.68 28.62
CA GLY A 256 3.62 -9.24 27.29
C GLY A 256 4.68 -10.34 27.27
N TYR A 257 5.17 -10.68 26.08
CA TYR A 257 6.16 -11.74 25.92
C TYR A 257 7.47 -11.35 26.60
N ILE A 258 7.86 -10.07 26.48
CA ILE A 258 9.03 -9.54 27.15
C ILE A 258 8.56 -8.39 28.05
N PRO A 259 8.49 -8.57 29.39
CA PRO A 259 7.96 -7.51 30.26
C PRO A 259 8.79 -6.23 30.28
N ASN A 260 8.09 -5.10 30.46
CA ASN A 260 8.70 -3.81 30.75
C ASN A 260 9.62 -3.39 29.60
N VAL A 261 9.05 -3.28 28.40
CA VAL A 261 9.80 -2.85 27.23
C VAL A 261 9.01 -1.79 26.47
N VAL A 262 9.65 -0.66 26.21
CA VAL A 262 9.31 0.22 25.10
C VAL A 262 10.55 0.31 24.22
N PHE A 263 10.37 0.13 22.91
CA PHE A 263 11.47 0.01 21.97
C PHE A 263 11.03 0.54 20.61
N SER A 264 11.78 1.52 20.08
CA SER A 264 11.41 2.18 18.83
C SER A 264 12.45 1.88 17.74
N CYS A 265 11.94 1.68 16.51
CA CYS A 265 12.79 1.59 15.33
C CYS A 265 12.32 2.56 14.25
N GLY A 266 11.42 3.50 14.61
CA GLY A 266 10.77 4.35 13.62
C GLY A 266 10.21 5.62 14.24
N ASN A 267 10.47 6.75 13.57
CA ASN A 267 9.89 8.03 13.93
C ASN A 267 9.58 8.79 12.64
N ALA A 268 8.28 8.90 12.33
CA ALA A 268 7.80 9.60 11.15
C ALA A 268 7.48 11.05 11.50
N VAL A 269 7.65 11.95 10.52
CA VAL A 269 7.46 13.37 10.74
C VAL A 269 6.36 13.90 9.82
N LYS A 270 5.39 14.60 10.40
CA LYS A 270 4.36 15.30 9.64
C LYS A 270 4.10 16.67 10.29
N ASP A 271 4.34 17.74 9.52
CA ASP A 271 4.06 19.10 9.95
C ASP A 271 4.70 19.40 11.30
N ASP A 272 6.00 19.14 11.41
CA ASP A 272 6.79 19.48 12.58
C ASP A 272 6.30 18.75 13.82
N THR A 273 5.71 17.56 13.63
CA THR A 273 5.40 16.67 14.74
C THR A 273 6.04 15.31 14.45
N ILE A 274 6.81 14.81 15.42
CA ILE A 274 7.46 13.52 15.31
C ILE A 274 6.50 12.47 15.90
N TYR A 275 6.15 11.47 15.07
CA TYR A 275 5.37 10.33 15.51
C TYR A 275 6.32 9.17 15.77
N VAL A 276 6.53 8.86 17.06
CA VAL A 276 7.45 7.81 17.47
C VAL A 276 6.66 6.52 17.68
N TYR A 277 6.86 5.55 16.78
CA TYR A 277 6.25 4.23 16.90
C TYR A 277 7.20 3.35 17.70
N TYR A 278 6.62 2.52 18.58
CA TYR A 278 7.41 1.72 19.49
C TYR A 278 6.69 0.40 19.78
N GLY A 279 7.48 -0.65 19.95
CA GLY A 279 6.98 -1.92 20.44
C GLY A 279 6.72 -1.85 21.93
N GLY A 280 5.62 -2.48 22.38
CA GLY A 280 5.30 -2.63 23.78
C GLY A 280 5.42 -4.08 24.20
N ALA A 281 6.36 -4.37 25.11
CA ALA A 281 6.58 -5.70 25.64
C ALA A 281 6.89 -6.71 24.52
N ASP A 282 7.49 -6.23 23.43
CA ASP A 282 7.77 -7.03 22.24
C ASP A 282 6.51 -7.79 21.80
N THR A 283 5.33 -7.15 21.90
CA THR A 283 4.07 -7.82 21.62
C THR A 283 3.18 -6.96 20.72
N VAL A 284 3.10 -5.65 20.98
CA VAL A 284 2.21 -4.76 20.25
C VAL A 284 2.97 -3.50 19.87
N ILE A 285 2.33 -2.65 19.06
CA ILE A 285 2.91 -1.37 18.64
C ILE A 285 2.03 -0.23 19.14
N GLY A 286 2.67 0.78 19.73
CA GLY A 286 2.01 2.02 20.13
C GLY A 286 2.66 3.22 19.45
N VAL A 287 2.09 4.42 19.68
CA VAL A 287 2.61 5.64 19.09
C VAL A 287 2.57 6.75 20.14
N ALA A 288 3.61 7.60 20.13
CA ALA A 288 3.69 8.78 20.97
C ALA A 288 4.35 9.90 20.18
N ILE A 289 3.99 11.15 20.47
CA ILE A 289 4.40 12.27 19.64
C ILE A 289 5.35 13.20 20.40
N LEU A 290 6.07 14.00 19.61
CA LEU A 290 6.90 15.09 20.12
C LEU A 290 6.94 16.17 19.05
N GLU A 291 6.49 17.37 19.40
CA GLU A 291 6.53 18.49 18.48
C GLU A 291 7.97 19.00 18.41
N MET A 292 8.41 19.39 17.20
CA MET A 292 9.77 19.84 16.95
C MET A 292 10.16 20.93 17.94
N LYS A 293 9.22 21.85 18.21
CA LYS A 293 9.51 23.04 19.03
C LYS A 293 9.71 22.66 20.50
N ASP A 294 9.35 21.41 20.88
CA ASP A 294 9.53 20.95 22.25
C ASP A 294 10.85 20.20 22.41
N ILE A 295 11.68 20.18 21.36
CA ILE A 295 13.02 19.60 21.44
C ILE A 295 13.93 20.63 22.11
N LYS A 296 14.06 20.50 23.44
CA LYS A 296 14.85 21.42 24.25
C LYS A 296 15.71 20.62 25.22
N PHE A 297 17.04 20.82 25.13
CA PHE A 297 17.98 20.17 26.05
C PHE A 297 18.43 21.19 27.08
N HIS A 298 18.62 20.71 28.33
CA HIS A 298 18.98 21.56 29.45
C HIS A 298 20.37 22.17 29.24
N HIS A 299 21.23 21.47 28.49
CA HIS A 299 22.57 21.94 28.17
C HIS A 299 22.55 22.60 26.78
N GLY B 2 -7.81 -11.03 -35.34
CA GLY B 2 -8.41 -11.71 -34.18
C GLY B 2 -7.65 -11.41 -32.89
N ILE B 3 -8.12 -10.41 -32.14
CA ILE B 3 -7.61 -10.10 -30.80
C ILE B 3 -8.29 -11.05 -29.82
N LYS B 4 -7.47 -11.70 -28.96
CA LYS B 4 -7.95 -12.54 -27.87
C LYS B 4 -7.06 -12.34 -26.65
N LEU B 5 -7.68 -12.06 -25.49
CA LEU B 5 -6.96 -11.98 -24.23
C LEU B 5 -6.53 -13.38 -23.82
N LYS B 6 -5.33 -13.49 -23.23
CA LYS B 6 -4.78 -14.77 -22.77
C LYS B 6 -4.72 -14.77 -21.25
N ARG B 7 -5.46 -15.69 -20.61
CA ARG B 7 -5.50 -15.82 -19.16
C ARG B 7 -4.11 -16.21 -18.64
N LEU B 8 -3.65 -15.54 -17.58
CA LEU B 8 -2.35 -15.82 -16.96
C LEU B 8 -2.45 -17.00 -16.00
N SER B 9 -3.67 -17.27 -15.50
CA SER B 9 -3.91 -18.32 -14.52
C SER B 9 -5.27 -18.98 -14.81
N ASP B 10 -5.41 -20.24 -14.41
CA ASP B 10 -6.69 -20.95 -14.45
C ASP B 10 -7.43 -20.75 -13.12
N LYS B 11 -6.79 -20.02 -12.18
CA LYS B 11 -7.39 -19.67 -10.89
C LYS B 11 -7.56 -18.16 -10.79
N PRO B 12 -8.50 -17.65 -9.95
CA PRO B 12 -8.62 -16.22 -9.69
C PRO B 12 -7.37 -15.66 -9.02
N VAL B 13 -7.11 -14.36 -9.22
CA VAL B 13 -6.01 -13.65 -8.59
C VAL B 13 -6.48 -13.01 -7.29
N LEU B 14 -7.80 -12.85 -7.12
CA LEU B 14 -8.34 -12.37 -5.86
C LEU B 14 -9.73 -12.98 -5.65
N MET B 15 -9.99 -13.39 -4.40
CA MET B 15 -11.23 -14.05 -4.04
C MET B 15 -11.77 -13.42 -2.77
N PRO B 16 -13.08 -13.59 -2.45
CA PRO B 16 -13.64 -13.04 -1.22
C PRO B 16 -12.99 -13.62 0.03
N LYS B 17 -13.09 -12.88 1.14
CA LYS B 17 -12.44 -13.25 2.37
C LYS B 17 -13.48 -13.24 3.49
N ALA B 18 -13.87 -14.44 3.95
CA ALA B 18 -15.07 -14.60 4.75
C ALA B 18 -14.95 -13.94 6.12
N GLU B 19 -13.72 -13.75 6.60
CA GLU B 19 -13.47 -13.20 7.93
C GLU B 19 -13.69 -11.68 7.94
N ASN B 20 -13.73 -11.04 6.77
CA ASN B 20 -14.00 -9.61 6.66
C ASN B 20 -15.38 -9.40 6.04
N GLU B 21 -16.31 -8.86 6.83
CA GLU B 21 -17.71 -8.74 6.43
C GLU B 21 -17.81 -7.98 5.10
N TRP B 22 -17.03 -6.91 4.95
CA TRP B 22 -17.18 -6.01 3.82
C TRP B 22 -16.82 -6.68 2.50
N GLU B 23 -16.03 -7.77 2.54
CA GLU B 23 -15.63 -8.48 1.34
C GLU B 23 -15.88 -9.98 1.49
N ARG B 24 -16.90 -10.32 2.26
CA ARG B 24 -17.17 -11.70 2.66
C ARG B 24 -17.64 -12.54 1.48
N ALA B 25 -18.45 -11.94 0.60
CA ALA B 25 -19.20 -12.69 -0.40
C ALA B 25 -18.54 -12.63 -1.77
N ALA B 26 -18.09 -11.44 -2.20
CA ALA B 26 -17.64 -11.26 -3.57
C ALA B 26 -16.61 -10.14 -3.69
N VAL B 27 -15.63 -10.35 -4.57
CA VAL B 27 -14.72 -9.30 -5.01
C VAL B 27 -14.66 -9.37 -6.54
N PHE B 28 -14.85 -8.22 -7.20
CA PHE B 28 -15.02 -8.21 -8.64
C PHE B 28 -14.88 -6.78 -9.17
N ASN B 29 -14.97 -6.65 -10.50
CA ASN B 29 -15.13 -5.37 -11.18
C ASN B 29 -14.16 -4.35 -10.59
N THR B 30 -12.86 -4.62 -10.76
CA THR B 30 -11.82 -3.86 -10.07
C THR B 30 -11.20 -2.85 -11.03
N ALA B 31 -10.87 -1.67 -10.49
CA ALA B 31 -9.96 -0.76 -11.15
C ALA B 31 -8.55 -1.34 -11.07
N ALA B 32 -7.69 -0.94 -12.02
CA ALA B 32 -6.32 -1.42 -12.06
C ALA B 32 -5.41 -0.35 -12.65
N ILE B 33 -4.21 -0.22 -12.07
CA ILE B 33 -3.22 0.70 -12.59
C ILE B 33 -1.83 0.22 -12.18
N TYR B 34 -0.86 0.40 -13.09
CA TYR B 34 0.53 0.11 -12.82
C TYR B 34 1.23 1.42 -12.48
N ASP B 35 1.84 1.48 -11.29
CA ASP B 35 2.51 2.68 -10.85
C ASP B 35 3.64 2.33 -9.86
N ASN B 36 4.80 2.96 -10.09
CA ASN B 36 5.94 2.88 -9.19
C ASN B 36 6.35 1.41 -8.98
N GLY B 37 6.33 0.64 -10.06
CA GLY B 37 6.84 -0.72 -10.05
C GLY B 37 5.83 -1.75 -9.52
N LEU B 38 4.57 -1.33 -9.31
CA LEU B 38 3.57 -2.20 -8.70
C LEU B 38 2.25 -2.13 -9.48
N PHE B 39 1.56 -3.27 -9.53
CA PHE B 39 0.16 -3.33 -9.95
C PHE B 39 -0.72 -3.04 -8.74
N HIS B 40 -1.66 -2.11 -8.90
CA HIS B 40 -2.58 -1.72 -7.84
C HIS B 40 -4.02 -2.00 -8.29
N LEU B 41 -4.80 -2.64 -7.41
CA LEU B 41 -6.21 -2.89 -7.65
C LEU B 41 -7.04 -2.11 -6.63
N ILE B 42 -8.07 -1.39 -7.12
CA ILE B 42 -9.14 -0.90 -6.27
C ILE B 42 -10.39 -1.69 -6.64
N TYR B 43 -10.75 -2.65 -5.78
CA TYR B 43 -11.70 -3.69 -6.15
C TYR B 43 -13.04 -3.45 -5.45
N ARG B 44 -14.12 -3.77 -6.17
CA ARG B 44 -15.46 -3.78 -5.61
C ARG B 44 -15.63 -5.04 -4.78
N ALA B 45 -16.23 -4.90 -3.59
CA ALA B 45 -16.46 -6.01 -2.69
C ALA B 45 -17.83 -5.88 -2.04
N THR B 46 -18.53 -7.01 -1.85
CA THR B 46 -19.84 -6.99 -1.22
C THR B 46 -19.86 -7.94 -0.02
N ASP B 47 -20.70 -7.59 0.95
CA ASP B 47 -20.88 -8.36 2.17
C ASP B 47 -21.77 -9.58 1.92
N ILE B 48 -22.64 -9.48 0.90
CA ILE B 48 -23.47 -10.61 0.49
C ILE B 48 -23.47 -10.65 -1.03
N GLY B 49 -23.97 -11.77 -1.58
CA GLY B 49 -24.03 -11.96 -3.02
C GLY B 49 -24.65 -10.74 -3.70
N PRO B 50 -24.03 -10.19 -4.76
CA PRO B 50 -24.51 -8.94 -5.37
C PRO B 50 -25.73 -9.14 -6.26
N HIS B 51 -26.86 -9.48 -5.63
CA HIS B 51 -28.14 -9.62 -6.31
C HIS B 51 -29.25 -9.44 -5.28
N ALA B 52 -30.36 -8.86 -5.74
CA ALA B 52 -31.47 -8.51 -4.88
C ALA B 52 -32.06 -9.74 -4.19
N LYS B 53 -31.92 -10.92 -4.79
CA LYS B 53 -32.47 -12.15 -4.26
C LYS B 53 -31.80 -12.53 -2.93
N TYR B 54 -30.57 -12.05 -2.71
CA TYR B 54 -29.83 -12.37 -1.49
C TYR B 54 -30.09 -11.32 -0.42
N GLY B 55 -30.34 -10.07 -0.83
CA GLY B 55 -30.69 -9.01 0.10
C GLY B 55 -30.10 -7.67 -0.33
N LYS B 56 -30.03 -6.75 0.63
CA LYS B 56 -29.53 -5.40 0.41
C LYS B 56 -28.01 -5.39 0.49
N TYR B 57 -27.36 -5.93 -0.55
CA TYR B 57 -25.89 -5.97 -0.60
C TYR B 57 -25.34 -4.54 -0.62
N ILE B 58 -24.16 -4.36 0.01
CA ILE B 58 -23.46 -3.10 0.02
C ILE B 58 -22.08 -3.30 -0.60
N SER B 59 -21.75 -2.47 -1.60
CA SER B 59 -20.45 -2.52 -2.27
C SER B 59 -19.50 -1.52 -1.60
N ARG B 60 -18.28 -1.98 -1.29
CA ARG B 60 -17.22 -1.11 -0.81
C ARG B 60 -15.96 -1.36 -1.65
N LEU B 61 -14.97 -0.47 -1.54
CA LEU B 61 -13.79 -0.51 -2.39
C LEU B 61 -12.56 -0.89 -1.56
N GLY B 62 -11.92 -1.99 -1.95
CA GLY B 62 -10.71 -2.46 -1.29
C GLY B 62 -9.46 -2.11 -2.10
N TYR B 63 -8.28 -2.34 -1.50
CA TYR B 63 -7.00 -2.11 -2.15
C TYR B 63 -6.17 -3.38 -2.10
N ALA B 64 -5.58 -3.74 -3.25
CA ALA B 64 -4.63 -4.85 -3.33
C ALA B 64 -3.44 -4.44 -4.20
N VAL B 65 -2.29 -5.07 -3.95
CA VAL B 65 -1.04 -4.70 -4.61
C VAL B 65 -0.24 -5.96 -4.94
N SER B 66 0.50 -5.90 -6.06
CA SER B 66 1.25 -7.04 -6.57
C SER B 66 2.49 -6.56 -7.33
N LYS B 67 3.55 -7.37 -7.26
CA LYS B 67 4.78 -7.11 -8.00
C LYS B 67 4.70 -7.70 -9.40
N ASP B 68 3.99 -8.83 -9.54
CA ASP B 68 4.02 -9.61 -10.78
C ASP B 68 2.67 -9.54 -11.51
N GLY B 69 1.64 -9.02 -10.85
CA GLY B 69 0.33 -8.86 -11.47
C GLY B 69 -0.55 -10.11 -11.34
N ILE B 70 -0.08 -11.11 -10.60
CA ILE B 70 -0.79 -12.37 -10.43
C ILE B 70 -1.03 -12.63 -8.94
N ASN B 71 0.03 -12.48 -8.13
CA ASN B 71 -0.03 -12.74 -6.70
C ASN B 71 -0.19 -11.41 -5.95
N PHE B 72 -1.31 -11.27 -5.25
CA PHE B 72 -1.68 -10.00 -4.65
C PHE B 72 -1.62 -10.07 -3.13
N MET B 73 -1.24 -8.93 -2.54
CA MET B 73 -1.45 -8.65 -1.13
C MET B 73 -2.59 -7.65 -1.02
N ARG B 74 -3.34 -7.72 0.09
CA ARG B 74 -4.58 -6.96 0.22
C ARG B 74 -4.67 -6.35 1.61
N LEU B 75 -5.22 -5.12 1.67
CA LEU B 75 -5.47 -4.44 2.93
C LEU B 75 -6.74 -4.99 3.56
N ASP B 76 -6.81 -4.88 4.90
CA ASP B 76 -7.82 -5.56 5.70
C ASP B 76 -9.11 -4.75 5.76
N LYS B 77 -9.03 -3.46 5.42
CA LYS B 77 -10.18 -2.57 5.46
C LYS B 77 -10.35 -1.88 4.10
N PRO B 78 -11.57 -1.45 3.75
CA PRO B 78 -11.81 -0.75 2.47
C PRO B 78 -11.23 0.66 2.49
N VAL B 79 -10.75 1.11 1.33
CA VAL B 79 -10.19 2.44 1.19
C VAL B 79 -11.32 3.45 0.99
N MET B 80 -12.47 3.00 0.47
CA MET B 80 -13.68 3.80 0.45
C MET B 80 -14.87 2.95 0.90
N SER B 81 -15.70 3.52 1.79
CA SER B 81 -16.88 2.86 2.30
C SER B 81 -18.12 3.68 1.98
N ASN B 82 -19.30 3.12 2.26
CA ASN B 82 -20.58 3.76 1.98
C ASN B 82 -20.78 4.92 2.96
N GLU B 83 -20.67 6.15 2.45
CA GLU B 83 -20.57 7.33 3.31
C GLU B 83 -21.74 8.29 3.07
N THR B 84 -22.10 8.54 1.81
CA THR B 84 -23.11 9.52 1.46
C THR B 84 -24.44 8.84 1.17
N GLU B 85 -25.47 9.66 0.97
CA GLU B 85 -26.81 9.18 0.64
C GLU B 85 -26.83 8.57 -0.76
N GLN B 86 -25.99 9.12 -1.65
CA GLN B 86 -25.87 8.60 -3.00
C GLN B 86 -25.19 7.22 -2.99
N GLU B 87 -24.51 6.90 -1.88
CA GLU B 87 -23.79 5.65 -1.75
C GLU B 87 -24.42 4.74 -0.69
N LEU B 88 -25.74 4.84 -0.48
CA LEU B 88 -26.41 4.06 0.55
C LEU B 88 -26.12 2.56 0.36
N ARG B 89 -26.16 2.10 -0.90
CA ARG B 89 -25.92 0.71 -1.23
C ARG B 89 -24.49 0.51 -1.74
N GLY B 90 -23.67 1.56 -1.70
CA GLY B 90 -22.23 1.43 -1.82
C GLY B 90 -21.66 2.03 -3.09
N LEU B 91 -20.41 1.64 -3.38
CA LEU B 91 -19.62 2.17 -4.49
C LEU B 91 -19.26 1.00 -5.41
N GLU B 92 -19.47 1.18 -6.73
CA GLU B 92 -19.39 0.08 -7.66
C GLU B 92 -18.49 0.42 -8.84
N ASP B 93 -17.80 -0.62 -9.36
CA ASP B 93 -17.24 -0.63 -10.70
C ASP B 93 -16.35 0.59 -10.94
N PRO B 94 -15.30 0.80 -10.12
CA PRO B 94 -14.42 1.97 -10.30
C PRO B 94 -13.52 1.85 -11.52
N ARG B 95 -13.28 2.99 -12.19
CA ARG B 95 -12.27 3.12 -13.23
C ARG B 95 -11.32 4.25 -12.84
N ILE B 96 -10.01 3.99 -12.94
CA ILE B 96 -9.00 4.94 -12.49
C ILE B 96 -8.06 5.27 -13.65
N VAL B 97 -7.74 6.57 -13.78
CA VAL B 97 -6.63 7.04 -14.59
C VAL B 97 -5.79 7.97 -13.75
N LYS B 98 -4.54 8.18 -14.17
CA LYS B 98 -3.64 9.11 -13.50
C LYS B 98 -3.28 10.24 -14.46
N ILE B 99 -3.54 11.48 -14.04
CA ILE B 99 -3.22 12.66 -14.84
C ILE B 99 -2.45 13.64 -13.95
N ASP B 100 -1.19 13.92 -14.33
CA ASP B 100 -0.35 14.91 -13.68
C ASP B 100 -0.32 14.69 -12.17
N GLY B 101 -0.04 13.44 -11.77
CA GLY B 101 0.24 13.13 -10.37
C GLY B 101 -1.02 12.92 -9.53
N ILE B 102 -2.19 12.90 -10.16
CA ILE B 102 -3.45 12.74 -9.43
C ILE B 102 -4.25 11.60 -10.06
N TYR B 103 -4.77 10.70 -9.22
CA TYR B 103 -5.61 9.61 -9.65
C TYR B 103 -7.07 10.07 -9.65
N TYR B 104 -7.76 9.86 -10.77
CA TYR B 104 -9.17 10.21 -10.92
C TYR B 104 -9.99 8.93 -11.02
N MET B 105 -10.78 8.65 -9.98
CA MET B 105 -11.59 7.46 -9.93
C MET B 105 -13.05 7.82 -10.15
N MET B 106 -13.66 7.26 -11.21
CA MET B 106 -15.10 7.33 -11.39
C MET B 106 -15.72 6.01 -11.00
N TYR B 107 -16.78 6.08 -10.18
CA TYR B 107 -17.47 4.90 -9.68
C TYR B 107 -18.97 5.18 -9.66
N THR B 108 -19.76 4.10 -9.60
CA THR B 108 -21.21 4.22 -9.46
C THR B 108 -21.57 4.29 -7.99
N GLY B 109 -22.18 5.40 -7.58
CA GLY B 109 -22.81 5.50 -6.27
C GLY B 109 -24.26 5.02 -6.36
N PHE B 110 -24.55 3.88 -5.71
CA PHE B 110 -25.87 3.27 -5.77
C PHE B 110 -26.64 3.66 -4.51
N GLY B 111 -27.70 4.47 -4.68
CA GLY B 111 -28.50 4.95 -3.56
C GLY B 111 -29.76 4.11 -3.34
N ASP B 112 -30.44 3.78 -4.43
CA ASP B 112 -31.65 2.96 -4.43
C ASP B 112 -32.76 3.58 -3.57
N ARG B 113 -32.82 4.92 -3.53
CA ARG B 113 -33.87 5.61 -2.80
C ARG B 113 -35.10 5.78 -3.68
N PHE B 114 -34.91 5.65 -5.00
CA PHE B 114 -35.99 5.78 -5.98
C PHE B 114 -35.51 5.09 -7.26
N GLN B 115 -36.34 5.12 -8.31
CA GLN B 115 -36.04 4.43 -9.54
C GLN B 115 -34.81 5.05 -10.20
N ASP B 116 -33.89 4.17 -10.64
CA ASP B 116 -32.67 4.55 -11.35
C ASP B 116 -31.81 5.46 -10.48
N ASP B 117 -31.76 5.20 -9.18
CA ASP B 117 -30.96 6.00 -8.26
C ASP B 117 -29.53 5.46 -8.22
N TYR B 118 -28.81 5.63 -9.33
CA TYR B 118 -27.38 5.35 -9.39
C TYR B 118 -26.74 6.45 -10.25
N ARG B 119 -25.58 6.94 -9.78
CA ARG B 119 -24.93 8.09 -10.40
C ARG B 119 -23.42 7.85 -10.49
N ILE B 120 -22.84 8.31 -11.60
CA ILE B 120 -21.39 8.41 -11.74
C ILE B 120 -20.89 9.44 -10.73
N CYS B 121 -19.95 9.01 -9.87
CA CYS B 121 -19.32 9.90 -8.90
C CYS B 121 -17.81 9.90 -9.14
N LEU B 122 -17.15 10.97 -8.67
CA LEU B 122 -15.71 11.15 -8.84
C LEU B 122 -15.06 11.24 -7.47
N ALA B 123 -13.91 10.56 -7.33
CA ALA B 123 -13.01 10.76 -6.21
C ALA B 123 -11.58 10.85 -6.73
N THR B 124 -10.74 11.61 -6.01
CA THR B 124 -9.35 11.80 -6.40
C THR B 124 -8.44 11.42 -5.23
N SER B 125 -7.20 11.06 -5.59
CA SER B 125 -6.18 10.67 -4.62
C SER B 125 -4.79 10.89 -5.21
N LYS B 126 -3.80 11.04 -4.33
CA LYS B 126 -2.39 11.07 -4.74
C LYS B 126 -1.71 9.73 -4.44
N ASN B 127 -2.39 8.84 -3.71
CA ASN B 127 -1.71 7.65 -3.17
C ASN B 127 -2.57 6.38 -3.25
N LEU B 128 -3.83 6.49 -3.70
CA LEU B 128 -4.73 5.36 -3.91
C LEU B 128 -5.33 4.85 -2.59
N ILE B 129 -5.01 5.51 -1.46
CA ILE B 129 -5.47 5.06 -0.16
C ILE B 129 -6.43 6.10 0.42
N ASP B 130 -6.02 7.37 0.36
CA ASP B 130 -6.80 8.50 0.87
C ASP B 130 -7.57 9.11 -0.31
N TRP B 131 -8.89 8.95 -0.30
CA TRP B 131 -9.74 9.38 -1.39
C TRP B 131 -10.60 10.57 -0.98
N GLU B 132 -10.63 11.59 -1.84
CA GLU B 132 -11.46 12.78 -1.63
C GLU B 132 -12.61 12.76 -2.62
N ARG B 133 -13.84 12.75 -2.09
CA ARG B 133 -15.04 12.74 -2.92
C ARG B 133 -15.22 14.10 -3.58
N LYS B 134 -15.56 14.09 -4.88
CA LYS B 134 -15.82 15.30 -5.64
C LYS B 134 -17.30 15.41 -6.02
N GLY B 135 -18.09 14.36 -5.72
CA GLY B 135 -19.52 14.40 -5.92
C GLY B 135 -19.93 13.79 -7.25
N VAL B 136 -21.21 13.95 -7.59
CA VAL B 136 -21.80 13.40 -8.81
C VAL B 136 -21.22 14.12 -10.02
N VAL B 137 -20.91 13.35 -11.07
CA VAL B 137 -20.29 13.88 -12.28
C VAL B 137 -21.40 14.32 -13.25
N LEU B 138 -22.34 13.41 -13.50
CA LEU B 138 -23.51 13.69 -14.30
C LEU B 138 -24.74 13.33 -13.47
N ASP B 139 -25.63 14.30 -13.23
CA ASP B 139 -26.83 14.06 -12.44
C ASP B 139 -27.90 13.47 -13.35
N GLU B 140 -27.76 12.17 -13.62
CA GLU B 140 -28.67 11.41 -14.48
C GLU B 140 -28.36 9.92 -14.29
N PRO B 141 -29.34 9.01 -14.51
CA PRO B 141 -29.07 7.57 -14.45
C PRO B 141 -27.97 7.17 -15.43
N ASN B 142 -26.81 6.78 -14.88
CA ASN B 142 -25.64 6.56 -15.71
C ASN B 142 -24.60 5.75 -14.91
N LYS B 143 -23.69 5.10 -15.65
CA LYS B 143 -22.64 4.29 -15.06
C LYS B 143 -21.63 3.96 -16.16
N ASP B 144 -20.69 3.05 -15.86
CA ASP B 144 -19.71 2.61 -16.84
C ASP B 144 -18.97 3.84 -17.38
N ALA B 145 -18.32 4.57 -16.48
CA ALA B 145 -17.72 5.85 -16.83
C ALA B 145 -16.25 5.88 -16.44
N SER B 146 -15.47 6.67 -17.19
CA SER B 146 -14.08 6.93 -16.90
C SER B 146 -13.61 8.16 -17.66
N LEU B 147 -12.63 8.87 -17.11
CA LEU B 147 -11.87 9.84 -17.88
C LEU B 147 -10.97 9.07 -18.84
N PHE B 148 -10.59 9.73 -19.94
CA PHE B 148 -9.42 9.35 -20.73
C PHE B 148 -8.19 9.64 -19.89
N PRO B 149 -7.08 8.88 -20.06
CA PRO B 149 -5.89 9.06 -19.23
C PRO B 149 -5.05 10.31 -19.52
N GLU B 150 -5.49 11.13 -20.48
CA GLU B 150 -4.93 12.47 -20.64
C GLU B 150 -5.98 13.37 -21.30
N LYS B 151 -5.71 14.69 -21.23
CA LYS B 151 -6.56 15.68 -21.85
C LYS B 151 -6.35 15.63 -23.36
N ILE B 152 -7.41 15.93 -24.11
CA ILE B 152 -7.35 15.99 -25.56
C ILE B 152 -7.71 17.40 -25.99
N ASN B 153 -6.74 18.08 -26.62
CA ASN B 153 -6.89 19.45 -27.10
C ASN B 153 -7.32 20.35 -25.93
N GLY B 154 -6.69 20.16 -24.77
CA GLY B 154 -6.89 21.01 -23.61
C GLY B 154 -8.16 20.67 -22.82
N LYS B 155 -8.84 19.57 -23.18
CA LYS B 155 -10.12 19.23 -22.58
C LYS B 155 -10.05 17.87 -21.89
N TYR B 156 -10.68 17.77 -20.71
CA TYR B 156 -10.97 16.47 -20.12
C TYR B 156 -12.02 15.78 -20.99
N VAL B 157 -11.89 14.47 -21.15
CA VAL B 157 -12.81 13.67 -21.94
C VAL B 157 -13.25 12.48 -21.10
N MET B 158 -14.55 12.16 -21.12
CA MET B 158 -15.06 11.04 -20.35
C MET B 158 -15.93 10.16 -21.25
N LEU B 159 -15.94 8.86 -20.94
CA LEU B 159 -16.90 7.92 -21.50
C LEU B 159 -17.98 7.68 -20.44
N HIS B 160 -19.22 7.46 -20.91
CA HIS B 160 -20.33 7.13 -20.02
C HIS B 160 -21.31 6.25 -20.79
N ARG B 161 -22.46 5.94 -20.18
CA ARG B 161 -23.35 4.93 -20.76
C ARG B 161 -24.81 5.29 -20.46
N ARG B 162 -25.37 6.18 -21.29
CA ARG B 162 -26.81 6.36 -21.35
C ARG B 162 -27.41 5.13 -22.02
N TYR B 163 -28.11 4.31 -21.21
CA TYR B 163 -28.52 2.97 -21.60
C TYR B 163 -29.21 3.01 -22.97
N PRO B 164 -28.88 2.11 -23.93
CA PRO B 164 -27.86 1.06 -23.76
C PRO B 164 -26.52 1.28 -24.45
N ASP B 165 -26.16 2.55 -24.71
CA ASP B 165 -25.06 2.88 -25.60
C ASP B 165 -23.92 3.52 -24.82
N ILE B 166 -22.70 3.38 -25.34
CA ILE B 166 -21.56 4.12 -24.83
C ILE B 166 -21.62 5.54 -25.40
N TRP B 167 -21.41 6.53 -24.52
CA TRP B 167 -21.39 7.93 -24.89
C TRP B 167 -20.04 8.54 -24.55
N ILE B 168 -19.78 9.73 -25.11
CA ILE B 168 -18.60 10.51 -24.79
C ILE B 168 -19.05 11.92 -24.44
N ALA B 169 -18.24 12.63 -23.64
CA ALA B 169 -18.49 14.02 -23.32
C ALA B 169 -17.17 14.69 -22.95
N PHE B 170 -17.19 16.04 -22.94
CA PHE B 170 -15.99 16.84 -22.77
C PHE B 170 -16.23 17.87 -21.66
N SER B 171 -15.14 18.35 -21.05
CA SER B 171 -15.22 19.32 -19.98
C SER B 171 -13.90 20.08 -19.84
N ASP B 172 -13.99 21.33 -19.37
CA ASP B 172 -12.82 22.15 -19.12
C ASP B 172 -12.33 21.95 -17.68
N ASP B 173 -13.24 21.59 -16.78
CA ASP B 173 -12.96 21.66 -15.35
C ASP B 173 -13.56 20.49 -14.56
N LEU B 174 -14.19 19.53 -15.24
CA LEU B 174 -14.80 18.35 -14.63
C LEU B 174 -16.15 18.69 -13.97
N LYS B 175 -16.57 19.97 -14.03
CA LYS B 175 -17.77 20.40 -13.33
C LYS B 175 -18.96 20.44 -14.28
N ASN B 176 -18.73 20.93 -15.51
CA ASN B 176 -19.78 21.01 -16.51
C ASN B 176 -19.32 20.28 -17.77
N TRP B 177 -20.24 19.52 -18.37
CA TRP B 177 -19.93 18.64 -19.49
C TRP B 177 -20.74 19.05 -20.72
N TYR B 178 -20.11 18.90 -21.89
CA TYR B 178 -20.70 19.31 -23.15
C TYR B 178 -20.26 18.34 -24.25
N ASP B 179 -20.87 18.47 -25.43
CA ASP B 179 -20.56 17.64 -26.58
C ASP B 179 -20.88 16.17 -26.30
N HIS B 180 -21.99 15.92 -25.62
CA HIS B 180 -22.49 14.56 -25.45
C HIS B 180 -22.83 13.99 -26.82
N LYS B 181 -22.31 12.79 -27.11
CA LYS B 181 -22.67 12.04 -28.30
C LYS B 181 -22.48 10.55 -28.06
N PRO B 182 -23.33 9.67 -28.64
CA PRO B 182 -23.10 8.23 -28.58
C PRO B 182 -22.00 7.84 -29.56
N ILE B 183 -21.15 6.88 -29.16
CA ILE B 183 -20.03 6.45 -29.99
C ILE B 183 -20.13 4.96 -30.30
N LEU B 184 -20.85 4.18 -29.49
CA LEU B 184 -20.92 2.74 -29.69
C LEU B 184 -22.28 2.21 -29.21
N LYS B 185 -22.91 1.38 -30.05
CA LYS B 185 -24.23 0.86 -29.77
C LYS B 185 -24.21 -0.66 -29.87
N PRO B 186 -25.22 -1.36 -29.27
CA PRO B 186 -25.37 -2.80 -29.47
C PRO B 186 -25.65 -3.15 -30.94
N ILE B 187 -25.38 -4.41 -31.30
CA ILE B 187 -25.67 -4.91 -32.64
C ILE B 187 -26.67 -6.06 -32.51
N PRO B 188 -27.86 -5.97 -33.14
CA PRO B 188 -28.89 -7.02 -33.01
C PRO B 188 -28.43 -8.40 -33.50
N ASN B 189 -28.95 -9.44 -32.84
CA ASN B 189 -28.73 -10.83 -33.23
C ASN B 189 -27.24 -11.18 -33.18
N THR B 190 -26.54 -10.65 -32.17
CA THR B 190 -25.15 -10.99 -31.91
C THR B 190 -24.95 -11.18 -30.41
N TRP B 191 -23.70 -11.44 -30.02
CA TRP B 191 -23.30 -11.55 -28.62
C TRP B 191 -23.41 -10.20 -27.90
N GLU B 192 -23.53 -9.11 -28.66
CA GLU B 192 -23.52 -7.76 -28.11
C GLU B 192 -24.82 -7.03 -28.47
N SER B 193 -25.95 -7.67 -28.18
CA SER B 193 -27.25 -7.23 -28.67
C SER B 193 -28.01 -6.40 -27.63
N ALA B 194 -27.88 -6.75 -26.34
CA ALA B 194 -28.72 -6.17 -25.30
C ALA B 194 -28.22 -4.79 -24.90
N ARG B 195 -26.91 -4.68 -24.60
CA ARG B 195 -26.33 -3.44 -24.14
C ARG B 195 -24.82 -3.47 -24.30
N VAL B 196 -24.19 -2.29 -24.27
CA VAL B 196 -22.74 -2.17 -24.26
C VAL B 196 -22.34 -1.17 -23.18
N GLY B 197 -21.06 -1.24 -22.81
CA GLY B 197 -20.46 -0.31 -21.86
C GLY B 197 -18.95 -0.48 -21.88
N ILE B 198 -18.22 0.54 -21.42
CA ILE B 198 -16.77 0.47 -21.41
C ILE B 198 -16.33 -0.65 -20.45
N GLY B 199 -15.13 -1.16 -20.71
CA GLY B 199 -14.41 -1.94 -19.72
C GLY B 199 -13.63 -1.02 -18.80
N GLY B 200 -12.30 -1.15 -18.80
CA GLY B 200 -11.44 -0.20 -18.12
C GLY B 200 -11.26 1.07 -18.96
N PRO B 201 -10.52 2.08 -18.45
CA PRO B 201 -10.22 3.28 -19.23
C PRO B 201 -9.53 2.95 -20.54
N PRO B 202 -9.67 3.79 -21.59
CA PRO B 202 -8.98 3.55 -22.86
C PRO B 202 -7.47 3.74 -22.73
N ILE B 203 -6.72 3.08 -23.62
CA ILE B 203 -5.27 3.12 -23.60
C ILE B 203 -4.78 3.72 -24.92
N LYS B 204 -3.86 4.69 -24.81
CA LYS B 204 -3.34 5.40 -25.97
C LYS B 204 -2.33 4.52 -26.70
N THR B 205 -2.54 4.33 -28.02
CA THR B 205 -1.55 3.71 -28.89
C THR B 205 -1.30 4.67 -30.06
N LYS B 206 -0.36 4.29 -30.94
CA LYS B 206 0.00 5.10 -32.10
C LYS B 206 -1.16 5.13 -33.10
N ASP B 207 -1.92 4.03 -33.17
CA ASP B 207 -2.97 3.88 -34.17
C ASP B 207 -4.29 4.48 -33.67
N GLY B 208 -4.40 4.74 -32.36
CA GLY B 208 -5.62 5.29 -31.79
C GLY B 208 -5.79 4.91 -30.32
N TRP B 209 -6.95 5.26 -29.76
CA TRP B 209 -7.33 4.85 -28.42
C TRP B 209 -7.85 3.42 -28.44
N PHE B 210 -7.11 2.51 -27.79
CA PHE B 210 -7.58 1.15 -27.62
C PHE B 210 -8.53 1.10 -26.43
N LEU B 211 -9.78 0.69 -26.70
CA LEU B 211 -10.82 0.64 -25.68
C LEU B 211 -11.40 -0.77 -25.64
N ILE B 212 -11.27 -1.42 -24.49
CA ILE B 212 -12.00 -2.66 -24.21
C ILE B 212 -13.39 -2.27 -23.74
N TYR B 213 -14.41 -2.96 -24.27
CA TYR B 213 -15.79 -2.73 -23.87
C TYR B 213 -16.40 -4.07 -23.49
N HIS B 214 -17.53 -4.02 -22.78
CA HIS B 214 -18.30 -5.20 -22.46
C HIS B 214 -19.64 -5.13 -23.18
N ALA B 215 -20.30 -6.28 -23.31
CA ALA B 215 -21.63 -6.35 -23.88
C ALA B 215 -22.37 -7.56 -23.29
N ALA B 216 -23.69 -7.46 -23.23
CA ALA B 216 -24.54 -8.57 -22.84
C ALA B 216 -25.38 -9.01 -24.04
N ASP B 217 -25.63 -10.32 -24.13
CA ASP B 217 -26.48 -10.88 -25.17
C ASP B 217 -27.90 -10.98 -24.61
N ASP B 218 -28.78 -11.67 -25.35
CA ASP B 218 -30.19 -11.74 -24.99
C ASP B 218 -30.43 -12.72 -23.84
N ASN B 219 -29.41 -13.52 -23.50
CA ASN B 219 -29.48 -14.39 -22.33
C ASN B 219 -28.70 -13.80 -21.16
N ASN B 220 -28.17 -12.58 -21.35
CA ASN B 220 -27.56 -11.81 -20.28
C ASN B 220 -26.17 -12.34 -19.96
N VAL B 221 -25.53 -12.96 -20.96
CA VAL B 221 -24.15 -13.39 -20.86
C VAL B 221 -23.26 -12.19 -21.19
N TYR B 222 -22.29 -11.89 -20.30
CA TYR B 222 -21.41 -10.76 -20.47
C TYR B 222 -20.08 -11.22 -21.06
N ARG B 223 -19.64 -10.52 -22.11
CA ARG B 223 -18.36 -10.77 -22.76
C ARG B 223 -17.65 -9.44 -23.00
N LEU B 224 -16.35 -9.49 -23.30
CA LEU B 224 -15.56 -8.31 -23.60
C LEU B 224 -15.28 -8.24 -25.10
N GLY B 225 -15.18 -7.01 -25.61
CA GLY B 225 -14.80 -6.74 -26.99
C GLY B 225 -13.76 -5.63 -27.06
N ALA B 226 -13.40 -5.22 -28.28
CA ALA B 226 -12.36 -4.23 -28.49
C ALA B 226 -12.74 -3.28 -29.63
N VAL B 227 -12.44 -1.99 -29.43
CA VAL B 227 -12.62 -0.97 -30.46
C VAL B 227 -11.38 -0.07 -30.46
N LEU B 228 -11.17 0.62 -31.59
CA LEU B 228 -10.12 1.61 -31.73
C LEU B 228 -10.76 2.95 -32.09
N LEU B 229 -10.41 4.00 -31.32
CA LEU B 229 -10.95 5.33 -31.54
C LEU B 229 -9.84 6.24 -32.05
N ASP B 230 -10.22 7.28 -32.81
CA ASP B 230 -9.27 8.23 -33.36
C ASP B 230 -8.66 9.06 -32.23
N LEU B 231 -7.37 9.37 -32.37
CA LEU B 231 -6.60 10.02 -31.31
C LEU B 231 -7.18 11.41 -30.99
N GLU B 232 -7.40 12.21 -32.04
CA GLU B 232 -7.75 13.61 -31.87
C GLU B 232 -9.26 13.76 -31.68
N ASP B 233 -10.05 12.89 -32.32
CA ASP B 233 -11.48 12.89 -32.15
C ASP B 233 -11.96 11.49 -31.75
N PRO B 234 -11.95 11.15 -30.44
CA PRO B 234 -12.34 9.81 -30.00
C PRO B 234 -13.80 9.41 -30.21
N SER B 235 -14.62 10.31 -30.78
CA SER B 235 -15.97 9.99 -31.18
C SER B 235 -15.99 9.17 -32.47
N LYS B 236 -14.90 9.22 -33.23
CA LYS B 236 -14.77 8.46 -34.47
C LYS B 236 -14.22 7.07 -34.17
N VAL B 237 -14.98 6.04 -34.59
CA VAL B 237 -14.57 4.66 -34.44
C VAL B 237 -13.81 4.23 -35.68
N ILE B 238 -12.50 3.97 -35.53
CA ILE B 238 -11.65 3.53 -36.62
C ILE B 238 -11.93 2.06 -36.92
N ALA B 239 -12.04 1.23 -35.87
CA ALA B 239 -12.24 -0.20 -36.04
C ALA B 239 -12.99 -0.77 -34.84
N ARG B 240 -13.75 -1.83 -35.10
CA ARG B 240 -14.49 -2.55 -34.08
C ARG B 240 -14.46 -4.04 -34.43
N GLN B 241 -13.85 -4.86 -33.57
CA GLN B 241 -13.75 -6.28 -33.81
C GLN B 241 -15.13 -6.92 -33.66
N LYS B 242 -15.47 -7.82 -34.59
CA LYS B 242 -16.76 -8.46 -34.62
C LYS B 242 -16.89 -9.45 -33.47
N GLU B 243 -15.81 -10.20 -33.22
CA GLU B 243 -15.81 -11.29 -32.24
C GLU B 243 -15.36 -10.76 -30.88
N PRO B 244 -15.81 -11.36 -29.76
CA PRO B 244 -15.35 -10.97 -28.43
C PRO B 244 -13.88 -11.33 -28.19
N ILE B 245 -13.23 -10.59 -27.30
CA ILE B 245 -11.83 -10.84 -26.94
C ILE B 245 -11.75 -11.73 -25.71
N LEU B 246 -12.87 -11.89 -24.99
CA LEU B 246 -12.91 -12.70 -23.78
C LEU B 246 -14.36 -13.13 -23.51
N GLU B 247 -14.52 -14.40 -23.14
CA GLU B 247 -15.83 -14.97 -22.85
C GLU B 247 -15.74 -15.82 -21.58
N PRO B 248 -16.86 -16.03 -20.85
CA PRO B 248 -16.88 -16.99 -19.75
C PRO B 248 -16.56 -18.39 -20.25
N GLU B 249 -15.50 -19.00 -19.69
CA GLU B 249 -15.06 -20.34 -20.08
C GLU B 249 -14.77 -21.18 -18.83
N LEU B 250 -13.98 -20.63 -17.90
CA LEU B 250 -13.61 -21.33 -16.68
C LEU B 250 -14.81 -21.40 -15.74
N GLY B 251 -14.74 -22.31 -14.77
CA GLY B 251 -15.83 -22.59 -13.85
C GLY B 251 -16.21 -21.36 -13.01
N TRP B 252 -15.21 -20.55 -12.63
CA TRP B 252 -15.44 -19.40 -11.77
C TRP B 252 -15.81 -18.16 -12.60
N GLU B 253 -15.81 -18.29 -13.93
CA GLU B 253 -16.37 -17.28 -14.81
C GLU B 253 -17.83 -17.62 -15.14
N LYS B 254 -18.14 -18.91 -15.24
CA LYS B 254 -19.46 -19.37 -15.65
C LYS B 254 -20.39 -19.50 -14.45
N GLU B 255 -19.84 -19.88 -13.29
CA GLU B 255 -20.66 -20.15 -12.12
C GLU B 255 -20.25 -19.22 -10.98
N GLY B 256 -21.27 -18.72 -10.26
CA GLY B 256 -21.10 -17.73 -9.22
C GLY B 256 -22.44 -17.05 -8.93
N TYR B 257 -22.39 -15.88 -8.29
CA TYR B 257 -23.60 -15.18 -7.90
C TYR B 257 -24.36 -14.71 -9.14
N ILE B 258 -23.63 -14.25 -10.17
CA ILE B 258 -24.21 -13.90 -11.45
C ILE B 258 -23.56 -14.79 -12.52
N PRO B 259 -24.25 -15.83 -13.04
CA PRO B 259 -23.63 -16.75 -14.00
C PRO B 259 -23.21 -16.11 -15.32
N ASN B 260 -22.13 -16.64 -15.90
CA ASN B 260 -21.70 -16.33 -17.26
C ASN B 260 -21.39 -14.85 -17.40
N VAL B 261 -20.44 -14.36 -16.57
CA VAL B 261 -20.02 -12.97 -16.63
C VAL B 261 -18.50 -12.91 -16.60
N VAL B 262 -17.94 -12.18 -17.59
CA VAL B 262 -16.63 -11.57 -17.47
C VAL B 262 -16.84 -10.07 -17.66
N PHE B 263 -16.27 -9.27 -16.76
CA PHE B 263 -16.53 -7.85 -16.70
C PHE B 263 -15.29 -7.13 -16.17
N SER B 264 -14.77 -6.17 -16.94
CA SER B 264 -13.54 -5.47 -16.61
C SER B 264 -13.81 -4.00 -16.30
N CYS B 265 -13.11 -3.47 -15.30
CA CYS B 265 -13.09 -2.04 -15.01
C CYS B 265 -11.66 -1.53 -14.93
N GLY B 266 -10.68 -2.33 -15.36
CA GLY B 266 -9.28 -2.02 -15.15
C GLY B 266 -8.37 -2.76 -16.12
N ASN B 267 -7.42 -2.02 -16.70
CA ASN B 267 -6.38 -2.59 -17.54
C ASN B 267 -5.07 -1.83 -17.27
N ALA B 268 -4.14 -2.50 -16.57
CA ALA B 268 -2.85 -1.92 -16.24
C ALA B 268 -1.82 -2.30 -17.31
N VAL B 269 -0.84 -1.42 -17.53
CA VAL B 269 0.15 -1.60 -18.57
C VAL B 269 1.55 -1.65 -17.96
N LYS B 270 2.31 -2.70 -18.32
CA LYS B 270 3.71 -2.82 -17.94
C LYS B 270 4.50 -3.37 -19.12
N ASP B 271 5.47 -2.59 -19.61
CA ASP B 271 6.39 -3.00 -20.67
C ASP B 271 5.61 -3.51 -21.88
N ASP B 272 4.67 -2.70 -22.36
CA ASP B 272 3.94 -2.97 -23.59
C ASP B 272 3.11 -4.26 -23.47
N THR B 273 2.70 -4.61 -22.25
CA THR B 273 1.74 -5.67 -22.04
C THR B 273 0.58 -5.12 -21.21
N ILE B 274 -0.64 -5.32 -21.73
CA ILE B 274 -1.85 -4.89 -21.05
C ILE B 274 -2.32 -6.04 -20.14
N TYR B 275 -2.45 -5.76 -18.84
CA TYR B 275 -3.01 -6.69 -17.88
C TYR B 275 -4.47 -6.30 -17.64
N VAL B 276 -5.39 -7.10 -18.18
CA VAL B 276 -6.82 -6.84 -18.07
C VAL B 276 -7.37 -7.62 -16.89
N TYR B 277 -7.74 -6.89 -15.82
CA TYR B 277 -8.36 -7.50 -14.65
C TYR B 277 -9.88 -7.48 -14.87
N TYR B 278 -10.55 -8.56 -14.46
CA TYR B 278 -11.95 -8.73 -14.73
C TYR B 278 -12.61 -9.54 -13.61
N GLY B 279 -13.87 -9.18 -13.31
CA GLY B 279 -14.69 -9.97 -12.42
C GLY B 279 -15.19 -11.22 -13.13
N GLY B 280 -15.22 -12.34 -12.40
CA GLY B 280 -15.80 -13.58 -12.87
C GLY B 280 -17.07 -13.90 -12.10
N ALA B 281 -18.20 -13.92 -12.81
CA ALA B 281 -19.50 -14.24 -12.24
C ALA B 281 -19.86 -13.30 -11.08
N ASP B 282 -19.35 -12.06 -11.12
CA ASP B 282 -19.52 -11.09 -10.06
C ASP B 282 -19.15 -11.69 -8.70
N THR B 283 -18.10 -12.53 -8.66
CA THR B 283 -17.73 -13.24 -7.45
C THR B 283 -16.24 -13.14 -7.17
N VAL B 284 -15.40 -13.30 -8.22
CA VAL B 284 -13.96 -13.31 -8.06
C VAL B 284 -13.32 -12.43 -9.13
N ILE B 285 -12.00 -12.22 -9.01
CA ILE B 285 -11.24 -11.44 -9.98
C ILE B 285 -10.19 -12.33 -10.64
N GLY B 286 -10.10 -12.24 -11.97
CA GLY B 286 -9.06 -12.90 -12.75
C GLY B 286 -8.27 -11.88 -13.55
N VAL B 287 -7.24 -12.37 -14.27
CA VAL B 287 -6.40 -11.50 -15.09
C VAL B 287 -6.09 -12.20 -16.41
N ALA B 288 -6.06 -11.42 -17.49
CA ALA B 288 -5.69 -11.89 -18.81
C ALA B 288 -4.91 -10.78 -19.51
N ILE B 289 -3.97 -11.16 -20.39
CA ILE B 289 -3.03 -10.20 -20.95
C ILE B 289 -3.25 -10.04 -22.45
N LEU B 290 -2.72 -8.92 -22.96
CA LEU B 290 -2.66 -8.64 -24.38
C LEU B 290 -1.44 -7.76 -24.62
N GLU B 291 -0.51 -8.25 -25.45
CA GLU B 291 0.68 -7.47 -25.81
C GLU B 291 0.27 -6.40 -26.81
N MET B 292 0.85 -5.21 -26.67
CA MET B 292 0.53 -4.05 -27.50
C MET B 292 0.62 -4.43 -28.98
N LYS B 293 1.66 -5.20 -29.35
CA LYS B 293 1.93 -5.51 -30.75
C LYS B 293 0.89 -6.47 -31.32
N ASP B 294 0.05 -7.07 -30.47
CA ASP B 294 -1.00 -7.97 -30.92
C ASP B 294 -2.33 -7.23 -31.08
N ILE B 295 -2.32 -5.90 -30.91
CA ILE B 295 -3.50 -5.07 -31.18
C ILE B 295 -3.58 -4.85 -32.68
N LYS B 296 -4.34 -5.72 -33.37
CA LYS B 296 -4.50 -5.67 -34.82
C LYS B 296 -5.98 -5.84 -35.16
N PHE B 297 -6.53 -4.86 -35.88
CA PHE B 297 -7.91 -4.91 -36.33
C PHE B 297 -7.94 -5.22 -37.82
N HIS B 298 -9.00 -5.91 -38.27
CA HIS B 298 -9.14 -6.35 -39.65
C HIS B 298 -9.42 -5.18 -40.58
N HIS B 299 -9.78 -4.01 -40.03
CA HIS B 299 -10.05 -2.81 -40.80
C HIS B 299 -8.78 -1.94 -40.90
#